data_5XXS
#
_entry.id   5XXS
#
_cell.length_a   54.580
_cell.length_b   57.444
_cell.length_c   74.528
_cell.angle_alpha   90.00
_cell.angle_beta   90.00
_cell.angle_gamma   90.00
#
_symmetry.space_group_name_H-M   'P 21 21 21'
#
loop_
_entity.id
_entity.type
_entity.pdbx_description
1 polymer 'Protein RibT'
2 non-polymer 'COENZYME A'
3 non-polymer GLYCEROL
4 non-polymer 'SODIUM ION'
5 water water
#
_entity_poly.entity_id   1
_entity_poly.type   'polypeptide(L)'
_entity_poly.pdbx_seq_one_letter_code
;MLIRYKKSFEKIAMGLLSFMPNEKDLKQLQQTIKDYETDTDRQLFLWKEDEDIVGAIGVEKKDSEVEIRHISVNPSHRHQ
GIGKQMMDALKHLFKTQVLVPNELTQSFFERCQGQQDQDISYNNLEHHHHHH
;
_entity_poly.pdbx_strand_id   A,B
#
loop_
_chem_comp.id
_chem_comp.type
_chem_comp.name
_chem_comp.formula
COA non-polymer 'COENZYME A' 'C21 H36 N7 O16 P3 S'
GOL non-polymer GLYCEROL 'C3 H8 O3'
NA non-polymer 'SODIUM ION' 'Na 1'
#
# COMPACT_ATOMS: atom_id res chain seq x y z
N MET A 1 -6.24 0.31 -7.22
CA MET A 1 -7.19 1.47 -7.13
C MET A 1 -6.63 2.72 -7.80
N LEU A 2 -7.43 3.34 -8.65
CA LEU A 2 -7.10 4.60 -9.28
C LEU A 2 -7.39 5.74 -8.29
N ILE A 3 -6.31 6.43 -7.87
CA ILE A 3 -6.43 7.65 -7.06
C ILE A 3 -6.00 8.89 -7.86
N ARG A 4 -6.54 10.05 -7.47
CA ARG A 4 -6.08 11.34 -8.00
C ARG A 4 -4.65 11.64 -7.52
N TYR A 5 -3.89 12.31 -8.36
CA TYR A 5 -2.55 12.75 -7.96
C TYR A 5 -2.69 13.79 -6.84
N LYS A 6 -1.80 13.71 -5.86
CA LYS A 6 -1.68 14.71 -4.80
C LYS A 6 -0.22 15.09 -4.62
N LYS A 7 0.02 16.30 -4.14
CA LYS A 7 1.40 16.81 -3.96
C LYS A 7 2.24 15.97 -3.02
N SER A 8 1.61 15.33 -2.03
CA SER A 8 2.30 14.33 -1.19
C SER A 8 3.08 13.29 -1.99
N PHE A 9 2.55 12.90 -3.16
CA PHE A 9 3.17 11.89 -4.02
C PHE A 9 3.95 12.45 -5.22
N GLU A 10 4.40 13.71 -5.15
CA GLU A 10 5.17 14.33 -6.25
C GLU A 10 6.43 13.55 -6.65
N LYS A 11 7.17 13.03 -5.65
CA LYS A 11 8.41 12.30 -5.91
C LYS A 11 8.18 11.03 -6.74
N ILE A 12 7.33 10.17 -6.21
CA ILE A 12 6.95 8.92 -6.86
C ILE A 12 6.26 9.16 -8.21
N ALA A 13 5.41 10.19 -8.29
CA ALA A 13 4.77 10.53 -9.56
C ALA A 13 5.81 10.88 -10.61
N MET A 14 6.84 11.63 -10.20
CA MET A 14 7.95 11.96 -11.12
C MET A 14 8.79 10.74 -11.46
N GLY A 15 9.03 9.89 -10.47
CA GLY A 15 9.65 8.57 -10.70
C GLY A 15 8.98 7.76 -11.81
N LEU A 16 7.66 7.61 -11.70
CA LEU A 16 6.90 6.81 -12.66
C LEU A 16 6.84 7.48 -14.04
N LEU A 17 6.54 8.79 -14.08
CA LEU A 17 6.52 9.54 -15.34
C LEU A 17 7.85 9.52 -16.12
N SER A 18 8.98 9.38 -15.43
CA SER A 18 10.30 9.29 -16.07
C SER A 18 10.45 8.11 -17.04
N PHE A 19 9.66 7.05 -16.86
CA PHE A 19 9.72 5.89 -17.75
C PHE A 19 9.07 6.16 -19.12
N MET A 20 8.32 7.24 -19.25
CA MET A 20 7.80 7.70 -20.56
C MET A 20 8.95 8.15 -21.47
N PRO A 21 8.94 7.73 -22.76
CA PRO A 21 10.00 8.08 -23.73
C PRO A 21 10.23 9.58 -23.97
N ASN A 22 9.20 10.40 -23.79
CA ASN A 22 9.33 11.87 -23.91
C ASN A 22 9.78 12.61 -22.63
N GLU A 23 10.05 11.88 -21.54
CA GLU A 23 10.47 12.52 -20.27
C GLU A 23 11.90 12.08 -19.99
N LYS A 24 12.85 12.94 -20.36
CA LYS A 24 14.28 12.60 -20.42
C LYS A 24 15.15 13.28 -19.37
N ASP A 25 14.61 14.24 -18.62
CA ASP A 25 15.36 14.84 -17.51
C ASP A 25 14.43 15.43 -16.45
N LEU A 26 15.03 15.77 -15.30
CA LEU A 26 14.30 16.27 -14.14
C LEU A 26 13.50 17.55 -14.44
N LYS A 27 14.05 18.44 -15.27
CA LYS A 27 13.37 19.70 -15.61
C LYS A 27 12.11 19.44 -16.41
N GLN A 28 12.21 18.56 -17.41
CA GLN A 28 11.05 18.15 -18.20
C GLN A 28 9.96 17.55 -17.28
N LEU A 29 10.35 16.65 -16.39
CA LEU A 29 9.41 16.05 -15.43
C LEU A 29 8.76 17.08 -14.49
N GLN A 30 9.55 17.99 -13.95
CA GLN A 30 9.03 19.06 -13.09
C GLN A 30 7.97 19.91 -13.81
N GLN A 31 8.23 20.23 -15.08
CA GLN A 31 7.31 20.98 -15.94
C GLN A 31 6.03 20.20 -16.19
N THR A 32 6.16 18.90 -16.42
CA THR A 32 4.99 18.03 -16.64
C THR A 32 4.09 18.01 -15.40
N ILE A 33 4.66 17.82 -14.22
CA ILE A 33 3.89 17.83 -12.97
C ILE A 33 3.19 19.18 -12.74
N LYS A 34 3.94 20.26 -12.94
CA LYS A 34 3.39 21.60 -12.85
C LYS A 34 2.20 21.78 -13.79
N ASP A 35 2.35 21.26 -15.00
CA ASP A 35 1.31 21.29 -16.00
C ASP A 35 0.09 20.50 -15.51
N TYR A 36 0.32 19.29 -14.98
CA TYR A 36 -0.79 18.54 -14.39
C TYR A 36 -1.42 19.24 -13.19
N GLU A 37 -0.63 19.88 -12.33
CA GLU A 37 -1.19 20.57 -11.15
C GLU A 37 -2.05 21.81 -11.47
N THR A 38 -1.67 22.57 -12.51
CA THR A 38 -2.20 23.92 -12.75
C THR A 38 -3.16 24.05 -13.94
N ASP A 39 -3.06 23.16 -14.93
CA ASP A 39 -4.03 23.12 -16.04
C ASP A 39 -5.20 22.25 -15.61
N THR A 40 -6.40 22.85 -15.61
CA THR A 40 -7.62 22.16 -15.18
C THR A 40 -8.04 21.02 -16.13
N ASP A 41 -7.73 21.16 -17.43
CA ASP A 41 -8.01 20.09 -18.41
C ASP A 41 -7.06 18.87 -18.30
N ARG A 42 -5.91 19.03 -17.66
CA ARG A 42 -4.92 17.96 -17.55
C ARG A 42 -4.99 17.33 -16.18
N GLN A 43 -5.24 16.03 -16.10
CA GLN A 43 -5.43 15.33 -14.84
C GLN A 43 -4.51 14.12 -14.73
N LEU A 44 -3.76 14.08 -13.64
CA LEU A 44 -2.91 12.95 -13.35
C LEU A 44 -3.55 12.06 -12.30
N PHE A 45 -3.46 10.75 -12.53
CA PHE A 45 -3.93 9.72 -11.61
C PHE A 45 -2.78 8.75 -11.29
N LEU A 46 -2.86 8.15 -10.12
CA LEU A 46 -1.90 7.15 -9.70
C LEU A 46 -2.65 5.85 -9.42
N TRP A 47 -1.93 4.74 -9.48
CA TRP A 47 -2.47 3.39 -9.22
C TRP A 47 -1.87 2.83 -7.93
N LYS A 48 -2.71 2.55 -6.94
CA LYS A 48 -2.25 1.89 -5.69
C LYS A 48 -2.46 0.36 -5.73
N GLU A 49 -1.41 -0.40 -5.42
CA GLU A 49 -1.48 -1.86 -5.18
C GLU A 49 -1.13 -2.13 -3.72
N ASP A 50 -2.15 -2.51 -2.93
CA ASP A 50 -2.06 -2.45 -1.47
C ASP A 50 -1.62 -1.04 -1.06
N GLU A 51 -0.45 -0.88 -0.45
CA GLU A 51 0.05 0.44 -0.07
C GLU A 51 0.81 1.14 -1.21
N ASP A 52 1.52 0.38 -2.04
CA ASP A 52 2.54 0.94 -2.95
C ASP A 52 1.93 1.60 -4.17
N ILE A 53 2.49 2.75 -4.56
CA ILE A 53 2.05 3.47 -5.74
C ILE A 53 2.97 3.06 -6.87
N VAL A 54 2.41 2.36 -7.85
CA VAL A 54 3.19 1.67 -8.88
C VAL A 54 2.79 1.97 -10.32
N GLY A 55 1.74 2.77 -10.50
CA GLY A 55 1.30 3.17 -11.81
C GLY A 55 0.90 4.64 -11.82
N ALA A 56 1.14 5.28 -12.95
CA ALA A 56 0.66 6.63 -13.18
C ALA A 56 0.02 6.70 -14.56
N ILE A 57 -1.09 7.42 -14.64
CA ILE A 57 -1.78 7.65 -15.91
C ILE A 57 -2.30 9.09 -15.96
N GLY A 58 -1.88 9.80 -17.01
CA GLY A 58 -2.13 11.24 -17.18
C GLY A 58 -2.95 11.50 -18.43
N VAL A 59 -3.99 12.35 -18.29
CA VAL A 59 -4.92 12.63 -19.40
C VAL A 59 -5.11 14.12 -19.68
N GLU A 60 -5.64 14.41 -20.86
CA GLU A 60 -6.15 15.74 -21.19
C GLU A 60 -7.62 15.67 -21.63
N LYS A 61 -8.51 16.36 -20.91
CA LYS A 61 -9.93 16.45 -21.27
C LYS A 61 -10.10 17.41 -22.44
N LYS A 62 -10.74 16.94 -23.52
CA LYS A 62 -10.85 17.66 -24.79
C LYS A 62 -12.26 17.50 -25.37
N ASP A 63 -13.24 18.06 -24.66
CA ASP A 63 -14.67 18.02 -25.04
C ASP A 63 -15.23 16.58 -25.02
N SER A 64 -15.54 15.99 -26.18
CA SER A 64 -16.11 14.64 -26.23
C SER A 64 -15.04 13.54 -25.97
N GLU A 65 -13.76 13.91 -26.04
CA GLU A 65 -12.68 12.95 -25.83
C GLU A 65 -11.80 13.25 -24.61
N VAL A 66 -11.19 12.19 -24.08
CA VAL A 66 -10.16 12.24 -23.06
C VAL A 66 -8.91 11.55 -23.63
N GLU A 67 -7.87 12.33 -23.87
CA GLU A 67 -6.63 11.88 -24.48
C GLU A 67 -5.65 11.44 -23.39
N ILE A 68 -5.17 10.20 -23.50
CA ILE A 68 -4.17 9.68 -22.60
C ILE A 68 -2.82 10.20 -23.07
N ARG A 69 -2.14 10.97 -22.22
CA ARG A 69 -0.87 11.61 -22.55
C ARG A 69 0.37 10.90 -21.97
N HIS A 70 0.21 10.29 -20.78
CA HIS A 70 1.27 9.57 -20.08
C HIS A 70 0.69 8.27 -19.48
N ILE A 71 1.41 7.16 -19.63
CA ILE A 71 1.08 5.95 -18.89
C ILE A 71 2.36 5.23 -18.53
N SER A 72 2.46 4.86 -17.27
CA SER A 72 3.67 4.23 -16.77
C SER A 72 3.40 3.31 -15.58
N VAL A 73 4.08 2.17 -15.58
CA VAL A 73 4.06 1.25 -14.45
C VAL A 73 5.50 1.00 -13.99
N ASN A 74 5.70 1.01 -12.69
CA ASN A 74 6.99 0.71 -12.06
C ASN A 74 7.53 -0.62 -12.63
N PRO A 75 8.77 -0.64 -13.17
CA PRO A 75 9.30 -1.84 -13.84
C PRO A 75 9.07 -3.17 -13.13
N SER A 76 9.22 -3.18 -11.81
CA SER A 76 8.99 -4.37 -10.97
C SER A 76 7.54 -4.88 -10.95
N HIS A 77 6.58 -4.00 -11.20
CA HIS A 77 5.17 -4.35 -11.17
C HIS A 77 4.56 -4.50 -12.56
N ARG A 78 5.40 -4.59 -13.59
CA ARG A 78 4.92 -4.82 -14.96
C ARG A 78 4.57 -6.26 -15.23
N HIS A 79 3.87 -6.46 -16.36
CA HIS A 79 3.43 -7.77 -16.83
C HIS A 79 2.43 -8.47 -15.89
N GLN A 80 1.71 -7.70 -15.08
CA GLN A 80 0.68 -8.20 -14.15
C GLN A 80 -0.74 -7.68 -14.47
N GLY A 81 -0.90 -6.94 -15.57
CA GLY A 81 -2.20 -6.37 -15.98
C GLY A 81 -2.55 -4.99 -15.43
N ILE A 82 -1.62 -4.37 -14.71
CA ILE A 82 -1.83 -3.07 -14.08
C ILE A 82 -2.01 -1.98 -15.14
N GLY A 83 -1.12 -1.91 -16.10
CA GLY A 83 -1.26 -0.96 -17.20
C GLY A 83 -2.65 -0.96 -17.84
N LYS A 84 -3.24 -2.14 -18.04
CA LYS A 84 -4.60 -2.23 -18.64
C LYS A 84 -5.64 -1.86 -17.60
N GLN A 85 -5.53 -2.43 -16.40
CA GLN A 85 -6.36 -2.03 -15.25
C GLN A 85 -6.52 -0.52 -15.15
N MET A 86 -5.40 0.22 -15.23
CA MET A 86 -5.47 1.69 -15.18
C MET A 86 -6.32 2.29 -16.29
N MET A 87 -6.08 1.89 -17.53
CA MET A 87 -6.86 2.39 -18.69
C MET A 87 -8.35 2.03 -18.57
N ASP A 88 -8.63 0.81 -18.13
CA ASP A 88 -9.98 0.33 -17.89
C ASP A 88 -10.71 1.12 -16.82
N ALA A 89 -10.02 1.45 -15.73
CA ALA A 89 -10.58 2.29 -14.67
C ALA A 89 -10.89 3.69 -15.19
N LEU A 90 -9.99 4.20 -16.01
CA LEU A 90 -10.11 5.54 -16.59
C LEU A 90 -11.29 5.62 -17.55
N LYS A 91 -11.49 4.54 -18.32
CA LYS A 91 -12.67 4.39 -19.18
C LYS A 91 -13.96 4.43 -18.37
N HIS A 92 -13.96 3.77 -17.22
CA HIS A 92 -15.11 3.76 -16.30
C HIS A 92 -15.36 5.14 -15.70
N LEU A 93 -14.28 5.81 -15.30
CA LEU A 93 -14.34 7.15 -14.70
C LEU A 93 -14.82 8.24 -15.68
N PHE A 94 -14.32 8.18 -16.92
CA PHE A 94 -14.73 9.12 -17.97
C PHE A 94 -15.70 8.44 -18.95
N LYS A 95 -16.77 7.85 -18.41
CA LYS A 95 -17.73 7.05 -19.19
C LYS A 95 -18.55 7.88 -20.18
N THR A 96 -18.73 9.16 -19.89
CA THR A 96 -19.44 10.05 -20.81
C THR A 96 -18.61 10.47 -22.04
N GLN A 97 -17.29 10.22 -22.01
CA GLN A 97 -16.39 10.67 -23.08
C GLN A 97 -15.69 9.52 -23.78
N VAL A 98 -15.10 9.83 -24.93
CA VAL A 98 -14.33 8.88 -25.70
C VAL A 98 -12.85 8.92 -25.27
N LEU A 99 -12.37 7.79 -24.76
CA LEU A 99 -10.96 7.67 -24.37
C LEU A 99 -10.13 7.43 -25.62
N VAL A 100 -9.08 8.23 -25.82
CA VAL A 100 -8.21 8.09 -26.99
C VAL A 100 -6.73 8.23 -26.60
N PRO A 101 -5.81 7.68 -27.40
CA PRO A 101 -4.38 7.87 -27.17
C PRO A 101 -3.86 9.10 -27.91
N ASN A 102 -2.72 9.63 -27.48
CA ASN A 102 -1.92 10.51 -28.35
C ASN A 102 -0.88 9.63 -29.06
N GLU A 103 -0.01 10.22 -29.86
CA GLU A 103 1.06 9.46 -30.54
C GLU A 103 1.93 8.64 -29.57
N LEU A 104 2.20 9.18 -28.39
CA LEU A 104 3.07 8.54 -27.40
C LEU A 104 2.45 7.32 -26.69
N THR A 105 1.12 7.28 -26.53
CA THR A 105 0.45 6.14 -25.85
C THR A 105 -0.34 5.20 -26.80
N GLN A 106 -0.28 5.48 -28.10
CA GLN A 106 -1.06 4.71 -29.10
C GLN A 106 -0.84 3.20 -29.10
N SER A 107 0.42 2.78 -29.01
CA SER A 107 0.77 1.38 -29.22
C SER A 107 0.20 0.52 -28.09
N PHE A 108 0.47 0.90 -26.84
CA PHE A 108 -0.09 0.18 -25.70
C PHE A 108 -1.63 0.31 -25.62
N PHE A 109 -2.16 1.47 -26.00
CA PHE A 109 -3.60 1.67 -26.06
C PHE A 109 -4.28 0.71 -27.02
N GLU A 110 -3.70 0.55 -28.21
CA GLU A 110 -4.30 -0.33 -29.22
C GLU A 110 -4.18 -1.81 -28.84
N ARG A 111 -3.01 -2.19 -28.30
CA ARG A 111 -2.78 -3.51 -27.75
C ARG A 111 -3.89 -3.92 -26.78
N CYS A 112 -4.22 -3.02 -25.85
CA CYS A 112 -5.31 -3.25 -24.89
C CYS A 112 -6.68 -3.25 -25.55
N GLN A 113 -6.91 -2.29 -26.43
CA GLN A 113 -8.15 -2.21 -27.21
C GLN A 113 -8.42 -3.45 -28.07
N GLY A 114 -7.37 -4.13 -28.52
CA GLY A 114 -7.49 -5.38 -29.28
C GLY A 114 -7.84 -6.64 -28.50
N GLN A 115 -7.71 -6.60 -27.17
CA GLN A 115 -7.98 -7.77 -26.33
C GLN A 115 -9.46 -8.13 -26.25
N GLN A 116 -9.73 -9.42 -25.99
CA GLN A 116 -11.05 -9.85 -25.57
C GLN A 116 -11.18 -9.57 -24.07
N ASP A 117 -12.43 -9.40 -23.61
CA ASP A 117 -12.73 -9.28 -22.18
C ASP A 117 -12.92 -10.67 -21.57
N MET B 1 -0.47 -19.76 12.40
CA MET B 1 -1.37 -19.74 13.59
C MET B 1 -0.79 -18.84 14.69
N LEU B 2 -1.64 -18.07 15.35
CA LEU B 2 -1.24 -17.25 16.49
C LEU B 2 -1.10 -18.09 17.75
N ILE B 3 0.05 -17.99 18.41
CA ILE B 3 0.24 -18.55 19.75
C ILE B 3 0.44 -17.42 20.76
N ARG B 4 0.17 -17.71 22.02
CA ARG B 4 0.39 -16.77 23.11
C ARG B 4 1.87 -16.72 23.45
N TYR B 5 2.36 -15.52 23.74
CA TYR B 5 3.76 -15.34 24.14
C TYR B 5 4.03 -16.02 25.48
N LYS B 6 5.12 -16.78 25.53
CA LYS B 6 5.62 -17.42 26.74
C LYS B 6 7.12 -17.13 26.86
N LYS B 7 7.61 -17.00 28.11
CA LYS B 7 9.00 -16.57 28.39
C LYS B 7 10.12 -17.48 27.85
N SER B 8 9.77 -18.71 27.49
CA SER B 8 10.69 -19.59 26.77
C SER B 8 11.02 -19.12 25.35
N PHE B 9 10.19 -18.25 24.76
CA PHE B 9 10.45 -17.65 23.44
C PHE B 9 10.96 -16.21 23.52
N GLU B 10 11.83 -15.90 24.48
CA GLU B 10 12.22 -14.50 24.74
C GLU B 10 13.19 -13.96 23.67
N LYS B 11 14.20 -14.74 23.32
CA LYS B 11 15.20 -14.35 22.31
C LYS B 11 14.57 -14.16 20.92
N ILE B 12 13.75 -15.12 20.48
CA ILE B 12 13.04 -15.02 19.20
C ILE B 12 12.00 -13.88 19.16
N ALA B 13 11.36 -13.61 20.30
CA ALA B 13 10.42 -12.48 20.40
C ALA B 13 11.13 -11.14 20.27
N MET B 14 12.24 -10.98 21.02
CA MET B 14 13.08 -9.79 20.90
C MET B 14 13.63 -9.65 19.49
N GLY B 15 14.14 -10.74 18.94
CA GLY B 15 14.50 -10.82 17.52
C GLY B 15 13.46 -10.27 16.55
N LEU B 16 12.22 -10.73 16.71
CA LEU B 16 11.12 -10.28 15.85
C LEU B 16 10.78 -8.81 16.10
N LEU B 17 10.64 -8.44 17.37
CA LEU B 17 10.38 -7.04 17.74
C LEU B 17 11.48 -6.05 17.33
N SER B 18 12.73 -6.54 17.18
CA SER B 18 13.84 -5.68 16.72
C SER B 18 13.60 -5.09 15.34
N PHE B 19 12.75 -5.72 14.52
CA PHE B 19 12.42 -5.17 13.21
C PHE B 19 11.42 -3.99 13.23
N MET B 20 10.76 -3.73 14.37
CA MET B 20 9.98 -2.50 14.56
C MET B 20 10.93 -1.29 14.52
N PRO B 21 10.52 -0.21 13.81
CA PRO B 21 11.43 0.93 13.62
C PRO B 21 11.74 1.71 14.90
N ASN B 22 10.81 1.72 15.86
CA ASN B 22 11.03 2.36 17.15
C ASN B 22 11.91 1.55 18.14
N GLU B 23 12.12 0.26 17.88
CA GLU B 23 12.97 -0.60 18.71
C GLU B 23 14.40 -0.62 18.11
N LYS B 24 15.34 0.05 18.78
CA LYS B 24 16.66 0.35 18.20
C LYS B 24 17.88 -0.10 19.00
N ASP B 25 17.68 -0.63 20.21
CA ASP B 25 18.76 -1.26 20.98
C ASP B 25 18.19 -2.30 21.92
N LEU B 26 19.08 -3.10 22.51
CA LEU B 26 18.68 -4.22 23.35
C LEU B 26 18.01 -3.76 24.65
N LYS B 27 18.41 -2.60 25.17
CA LYS B 27 17.76 -2.06 26.38
C LYS B 27 16.28 -1.80 26.10
N GLN B 28 15.98 -1.14 24.98
CA GLN B 28 14.59 -0.91 24.52
C GLN B 28 13.80 -2.21 24.34
N LEU B 29 14.40 -3.20 23.68
CA LEU B 29 13.74 -4.50 23.51
C LEU B 29 13.45 -5.17 24.86
N GLN B 30 14.44 -5.24 25.74
CA GLN B 30 14.28 -5.76 27.11
C GLN B 30 13.12 -5.08 27.86
N GLN B 31 13.06 -3.76 27.78
CA GLN B 31 11.97 -2.98 28.37
C GLN B 31 10.60 -3.26 27.73
N THR B 32 10.57 -3.46 26.43
CA THR B 32 9.33 -3.79 25.73
C THR B 32 8.80 -5.17 26.15
N ILE B 33 9.68 -6.17 26.23
CA ILE B 33 9.32 -7.51 26.72
C ILE B 33 8.83 -7.48 28.17
N LYS B 34 9.59 -6.84 29.06
CA LYS B 34 9.20 -6.72 30.46
C LYS B 34 7.82 -6.10 30.62
N ASP B 35 7.53 -5.04 29.87
CA ASP B 35 6.18 -4.45 29.81
C ASP B 35 5.11 -5.50 29.45
N TYR B 36 5.36 -6.26 28.37
CA TYR B 36 4.45 -7.35 27.96
C TYR B 36 4.37 -8.50 28.98
N GLU B 37 5.47 -8.74 29.70
CA GLU B 37 5.49 -9.76 30.75
C GLU B 37 4.79 -9.32 32.03
N THR B 38 4.97 -8.07 32.45
CA THR B 38 4.46 -7.59 33.74
C THR B 38 3.04 -7.04 33.67
N ASP B 39 2.74 -6.22 32.66
CA ASP B 39 1.41 -5.60 32.52
C ASP B 39 0.38 -6.59 32.02
N THR B 40 -0.78 -6.58 32.67
CA THR B 40 -1.86 -7.53 32.39
C THR B 40 -2.63 -7.18 31.10
N ASP B 41 -2.81 -5.89 30.85
CA ASP B 41 -3.49 -5.42 29.64
C ASP B 41 -2.65 -5.56 28.35
N ARG B 42 -1.34 -5.72 28.48
CA ARG B 42 -0.45 -5.85 27.33
C ARG B 42 -0.21 -7.31 26.99
N GLN B 43 -0.64 -7.72 25.79
CA GLN B 43 -0.56 -9.11 25.37
C GLN B 43 0.21 -9.23 24.07
N LEU B 44 1.29 -10.03 24.08
CA LEU B 44 2.09 -10.28 22.89
C LEU B 44 1.72 -11.64 22.33
N PHE B 45 1.68 -11.72 21.00
CA PHE B 45 1.32 -12.95 20.30
C PHE B 45 2.38 -13.27 19.25
N LEU B 46 2.66 -14.56 19.07
CA LEU B 46 3.62 -15.02 18.07
C LEU B 46 2.91 -15.82 17.00
N TRP B 47 3.48 -15.84 15.79
CA TRP B 47 2.89 -16.55 14.66
C TRP B 47 3.84 -17.65 14.17
N LYS B 48 3.27 -18.82 13.89
CA LYS B 48 4.01 -19.92 13.25
C LYS B 48 3.35 -20.37 11.94
N GLU B 49 4.17 -20.48 10.89
CA GLU B 49 3.79 -21.17 9.65
C GLU B 49 4.44 -22.55 9.69
N ASP B 50 3.63 -23.61 9.82
CA ASP B 50 4.12 -24.99 9.79
C ASP B 50 5.22 -25.21 10.83
N GLU B 51 4.89 -24.94 12.09
CA GLU B 51 5.80 -25.14 13.22
C GLU B 51 7.12 -24.35 13.12
N ASP B 52 7.06 -23.14 12.54
CA ASP B 52 8.20 -22.23 12.44
C ASP B 52 7.84 -20.83 12.95
N ILE B 53 8.44 -20.44 14.08
CA ILE B 53 8.19 -19.13 14.74
C ILE B 53 8.68 -17.92 13.90
N VAL B 54 7.73 -17.14 13.39
CA VAL B 54 7.99 -16.26 12.22
C VAL B 54 7.45 -14.80 12.29
N GLY B 55 6.37 -14.57 13.02
CA GLY B 55 5.80 -13.22 13.20
C GLY B 55 5.48 -12.94 14.64
N ALA B 56 5.33 -11.65 14.96
CA ALA B 56 4.97 -11.18 16.29
C ALA B 56 3.96 -10.03 16.15
N ILE B 57 2.95 -10.02 17.02
CA ILE B 57 1.98 -8.93 17.10
C ILE B 57 1.62 -8.73 18.56
N GLY B 58 1.66 -7.48 19.00
CA GLY B 58 1.52 -7.13 20.40
C GLY B 58 0.51 -6.01 20.57
N VAL B 59 -0.37 -6.17 21.54
CA VAL B 59 -1.50 -5.24 21.71
C VAL B 59 -1.66 -4.78 23.15
N GLU B 60 -2.52 -3.78 23.31
CA GLU B 60 -2.97 -3.29 24.61
C GLU B 60 -4.50 -3.33 24.63
N LYS B 61 -5.03 -4.27 25.43
CA LYS B 61 -6.45 -4.47 25.59
C LYS B 61 -7.00 -3.42 26.53
N LYS B 62 -7.84 -2.55 25.99
CA LYS B 62 -8.62 -1.60 26.75
C LYS B 62 -10.03 -2.17 26.84
N ASP B 63 -10.98 -1.38 27.33
CA ASP B 63 -12.34 -1.87 27.54
C ASP B 63 -13.10 -2.12 26.25
N SER B 64 -13.19 -1.09 25.42
CA SER B 64 -13.95 -1.13 24.17
C SER B 64 -13.10 -1.36 22.93
N GLU B 65 -11.77 -1.31 23.07
CA GLU B 65 -10.86 -1.38 21.93
C GLU B 65 -9.57 -2.14 22.26
N VAL B 66 -8.95 -2.71 21.24
CA VAL B 66 -7.64 -3.35 21.37
C VAL B 66 -6.68 -2.63 20.44
N GLU B 67 -5.70 -1.94 21.04
CA GLU B 67 -4.71 -1.15 20.32
C GLU B 67 -3.51 -2.03 19.90
N ILE B 68 -3.25 -2.08 18.61
CA ILE B 68 -2.07 -2.76 18.07
C ILE B 68 -0.84 -1.86 18.29
N ARG B 69 0.11 -2.36 19.07
CA ARG B 69 1.30 -1.62 19.44
C ARG B 69 2.51 -2.06 18.63
N HIS B 70 2.70 -3.36 18.46
CA HIS B 70 3.83 -3.89 17.70
C HIS B 70 3.36 -4.89 16.65
N ILE B 71 3.95 -4.84 15.46
CA ILE B 71 3.70 -5.88 14.44
C ILE B 71 4.95 -6.07 13.60
N SER B 72 5.42 -7.31 13.55
CA SER B 72 6.67 -7.63 12.82
C SER B 72 6.68 -9.05 12.32
N VAL B 73 7.22 -9.22 11.11
CA VAL B 73 7.40 -10.50 10.47
C VAL B 73 8.86 -10.59 10.07
N ASN B 74 9.45 -11.76 10.27
CA ASN B 74 10.82 -12.04 9.90
C ASN B 74 11.04 -11.76 8.40
N PRO B 75 12.09 -10.98 8.03
CA PRO B 75 12.30 -10.59 6.63
C PRO B 75 12.13 -11.70 5.58
N SER B 76 12.63 -12.90 5.88
CA SER B 76 12.56 -14.05 4.98
C SER B 76 11.13 -14.52 4.71
N HIS B 77 10.25 -14.30 5.67
CA HIS B 77 8.85 -14.75 5.59
C HIS B 77 7.84 -13.67 5.23
N ARG B 78 8.29 -12.47 4.88
CA ARG B 78 7.39 -11.37 4.49
C ARG B 78 6.81 -11.55 3.09
N HIS B 79 5.86 -10.68 2.74
CA HIS B 79 5.22 -10.61 1.41
C HIS B 79 4.35 -11.82 1.07
N GLN B 80 3.85 -12.51 2.10
CA GLN B 80 3.06 -13.72 1.93
C GLN B 80 1.73 -13.65 2.66
N GLY B 81 1.25 -12.42 2.90
CA GLY B 81 0.03 -12.20 3.65
C GLY B 81 0.08 -12.41 5.15
N ILE B 82 1.26 -12.70 5.72
CA ILE B 82 1.35 -13.05 7.16
C ILE B 82 0.98 -11.88 8.09
N GLY B 83 1.50 -10.69 7.81
CA GLY B 83 1.12 -9.47 8.56
C GLY B 83 -0.38 -9.27 8.65
N LYS B 84 -1.05 -9.40 7.50
CA LYS B 84 -2.51 -9.31 7.37
C LYS B 84 -3.19 -10.40 8.18
N GLN B 85 -2.72 -11.65 8.03
CA GLN B 85 -3.26 -12.78 8.79
C GLN B 85 -3.15 -12.61 10.31
N MET B 86 -2.05 -12.05 10.80
CA MET B 86 -1.91 -11.79 12.26
C MET B 86 -2.98 -10.80 12.73
N MET B 87 -3.25 -9.79 11.89
CA MET B 87 -4.27 -8.77 12.16
C MET B 87 -5.69 -9.37 12.17
N ASP B 88 -6.00 -10.14 11.14
CA ASP B 88 -7.29 -10.84 11.05
C ASP B 88 -7.51 -11.81 12.19
N ALA B 89 -6.51 -12.63 12.49
CA ALA B 89 -6.56 -13.55 13.64
C ALA B 89 -6.93 -12.85 14.93
N LEU B 90 -6.41 -11.64 15.09
CA LEU B 90 -6.60 -10.84 16.29
C LEU B 90 -8.06 -10.38 16.47
N LYS B 91 -8.78 -10.17 15.37
CA LYS B 91 -10.21 -9.79 15.40
C LYS B 91 -11.07 -10.90 15.98
N HIS B 92 -10.86 -12.12 15.49
CA HIS B 92 -11.59 -13.31 15.95
C HIS B 92 -11.27 -13.68 17.41
N LEU B 93 -10.15 -13.18 17.92
CA LEU B 93 -9.75 -13.39 19.30
C LEU B 93 -10.54 -12.49 20.26
N PHE B 94 -10.62 -11.20 19.95
CA PHE B 94 -11.21 -10.19 20.87
C PHE B 94 -12.62 -9.83 20.43
N LYS B 95 -13.60 -10.50 21.03
CA LYS B 95 -14.96 -10.51 20.51
C LYS B 95 -15.75 -9.23 20.78
N THR B 96 -15.60 -8.65 21.98
CA THR B 96 -16.34 -7.45 22.38
C THR B 96 -15.63 -6.11 22.13
N GLN B 97 -14.36 -6.13 21.69
CA GLN B 97 -13.62 -4.90 21.36
C GLN B 97 -13.36 -4.76 19.87
N VAL B 98 -13.12 -3.53 19.43
CA VAL B 98 -12.68 -3.26 18.06
C VAL B 98 -11.16 -3.07 18.03
N LEU B 99 -10.53 -3.54 16.96
CA LEU B 99 -9.10 -3.39 16.75
C LEU B 99 -8.82 -1.97 16.30
N VAL B 100 -7.87 -1.30 16.95
CA VAL B 100 -7.46 0.04 16.54
C VAL B 100 -5.92 0.11 16.48
N PRO B 101 -5.37 0.99 15.63
CA PRO B 101 -3.94 1.23 15.67
C PRO B 101 -3.59 2.32 16.66
N ASN B 102 -2.30 2.60 16.82
CA ASN B 102 -1.83 3.87 17.36
C ASN B 102 -1.17 4.58 16.18
N GLU B 103 -0.51 5.71 16.41
CA GLU B 103 0.09 6.48 15.31
C GLU B 103 1.14 5.68 14.54
N LEU B 104 1.90 4.86 15.25
CA LEU B 104 2.96 4.05 14.66
C LEU B 104 2.41 2.95 13.76
N THR B 105 1.42 2.20 14.25
CA THR B 105 0.87 1.07 13.49
C THR B 105 -0.28 1.45 12.54
N GLN B 106 -0.67 2.74 12.50
CA GLN B 106 -1.82 3.18 11.68
C GLN B 106 -1.66 2.87 10.20
N SER B 107 -0.48 3.10 9.65
CA SER B 107 -0.26 2.94 8.21
C SER B 107 -0.43 1.49 7.75
N PHE B 108 0.19 0.55 8.46
CA PHE B 108 -0.02 -0.86 8.13
C PHE B 108 -1.45 -1.31 8.42
N PHE B 109 -2.06 -0.79 9.50
CA PHE B 109 -3.45 -1.08 9.86
C PHE B 109 -4.45 -0.67 8.76
N GLU B 110 -4.25 0.54 8.21
CA GLU B 110 -5.06 1.10 7.13
C GLU B 110 -5.00 0.17 5.91
N ARG B 111 -3.80 -0.26 5.57
CA ARG B 111 -3.58 -1.20 4.48
C ARG B 111 -4.32 -2.53 4.70
N CYS B 112 -4.34 -3.02 5.94
CA CYS B 112 -5.08 -4.25 6.26
C CYS B 112 -6.61 -4.12 6.16
N GLN B 113 -7.16 -2.90 6.14
CA GLN B 113 -8.62 -2.68 5.99
C GLN B 113 -9.05 -2.38 4.55
N GLY B 114 -10.27 -2.81 4.20
CA GLY B 114 -10.81 -2.66 2.83
C GLY B 114 -10.42 -3.80 1.89
N GLN B 115 -11.07 -3.83 0.71
CA GLN B 115 -10.92 -4.91 -0.28
C GLN B 115 -10.62 -4.33 -1.67
N GLN B 116 -10.60 -5.18 -2.70
CA GLN B 116 -10.26 -4.76 -4.08
C GLN B 116 -11.30 -3.79 -4.68
N ASP B 117 -10.82 -2.60 -5.05
CA ASP B 117 -11.68 -1.48 -5.49
C ASP B 117 -10.98 -0.72 -6.61
N GLN B 118 -11.69 -0.49 -7.72
CA GLN B 118 -11.09 0.05 -8.96
C GLN B 118 -10.83 1.56 -8.90
N ASP B 119 -11.78 2.30 -8.33
CA ASP B 119 -11.67 3.74 -8.19
C ASP B 119 -12.16 4.16 -6.80
N ILE B 120 -11.46 5.09 -6.15
CA ILE B 120 -11.83 5.59 -4.82
C ILE B 120 -12.99 6.59 -4.86
N SER B 121 -13.50 6.95 -3.68
CA SER B 121 -14.66 7.87 -3.53
C SER B 121 -14.54 9.15 -4.38
N TYR B 122 -13.33 9.65 -4.58
CA TYR B 122 -13.03 10.61 -5.66
C TYR B 122 -11.76 10.18 -6.39
N ASN B 123 -11.92 9.30 -7.36
CA ASN B 123 -10.80 8.62 -8.02
C ASN B 123 -10.17 9.44 -9.14
N1A COA C . 3.49 -0.67 -26.83
C2A COA C . 2.63 -1.68 -27.10
N3A COA C . 2.45 -2.72 -26.27
C4A COA C . 3.16 -2.82 -25.10
C5A COA C . 4.10 -1.75 -24.74
C6A COA C . 4.24 -0.64 -25.70
N6A COA C . 5.10 0.36 -25.43
N7A COA C . 4.64 -2.08 -23.57
C8A COA C . 4.09 -3.25 -23.18
N9A COA C . 3.20 -3.68 -24.09
C1B COA C . 2.39 -4.93 -24.01
C2B COA C . 3.26 -6.18 -23.99
O2B COA C . 2.72 -7.11 -24.93
C3B COA C . 3.17 -6.70 -22.58
O3B COA C . 3.18 -8.12 -22.53
P3B COA C . 4.28 -8.94 -21.70
O7A COA C . 3.93 -10.39 -21.98
O8A COA C . 5.61 -8.49 -22.29
O9A COA C . 4.02 -8.51 -20.28
C4B COA C . 1.83 -6.16 -22.09
O4B COA C . 1.64 -4.93 -22.80
C5B COA C . 1.74 -5.91 -20.58
O5B COA C . 0.43 -5.45 -20.31
P1A COA C . 0.00 -4.92 -18.87
O1A COA C . 0.45 -5.90 -17.83
O2A COA C . -1.45 -4.56 -18.91
O3A COA C . 0.86 -3.54 -18.77
P2A COA C . 2.06 -3.27 -17.72
O4A COA C . 1.52 -3.12 -16.34
O5A COA C . 3.20 -4.25 -17.91
O6A COA C . 2.55 -1.79 -18.21
CBP COA C . 3.33 -0.11 -19.76
CCP COA C . 2.61 -1.43 -19.59
CDP COA C . 3.26 0.27 -21.24
CEP COA C . 2.59 0.96 -18.96
CAP COA C . 4.78 -0.31 -19.26
OAP COA C . 5.50 -1.18 -20.14
C9P COA C . 5.53 0.97 -19.06
O9P COA C . 5.45 1.54 -17.99
N8P COA C . 6.29 1.41 -20.09
C7P COA C . 7.07 2.63 -19.96
C6P COA C . 6.21 3.86 -20.21
C5P COA C . 5.70 3.83 -21.65
O5P COA C . 6.44 3.53 -22.55
N4P COA C . 4.42 4.20 -21.85
C3P COA C . 3.84 4.34 -23.18
C2P COA C . 3.12 3.10 -23.66
S1P COA C . 2.75 3.26 -25.41
C1 GOL D . 8.81 23.63 -13.47
O1 GOL D . 7.83 23.86 -12.45
C2 GOL D . 10.09 24.41 -13.15
O2 GOL D . 10.48 24.15 -11.80
C3 GOL D . 11.20 23.99 -14.08
O3 GOL D . 10.85 24.29 -15.43
C1 GOL E . 10.56 4.22 -5.44
O1 GOL E . 10.67 3.63 -4.14
C2 GOL E . 10.10 3.19 -6.46
O2 GOL E . 9.94 3.80 -7.75
C3 GOL E . 11.12 2.06 -6.58
O3 GOL E . 10.81 1.27 -7.74
NA NA F . -4.79 19.62 -13.31
N1A COA G . 2.43 0.79 5.84
C2A COA G . 1.53 0.45 4.89
N3A COA G . 1.67 -0.62 4.10
C4A COA G . 2.75 -1.45 4.23
C5A COA G . 3.77 -1.15 5.25
C6A COA G . 3.55 0.06 6.09
N6A COA G . 4.42 0.41 7.04
N7A COA G . 4.70 -2.11 5.16
C8A COA G . 4.32 -2.96 4.16
N9A COA G . 3.16 -2.55 3.62
C1B COA G . 2.41 -3.21 2.52
C2B COA G . 3.24 -3.38 1.26
O2B COA G . 2.52 -2.89 0.11
C3B COA G . 3.49 -4.87 1.20
O3B COA G . 3.53 -5.37 -0.14
P3B COA G . 4.82 -6.17 -0.68
O7A COA G . 4.60 -6.19 -2.18
O8A COA G . 6.00 -5.33 -0.25
O9A COA G . 4.73 -7.52 -0.01
C4B COA G . 2.33 -5.48 1.98
O4B COA G . 2.01 -4.50 2.97
C5B COA G . 2.65 -6.84 2.59
O5B COA G . 1.63 -7.24 3.49
P1A COA G . 1.70 -8.69 4.21
O1A COA G . 0.36 -9.02 4.78
O2A COA G . 2.43 -9.65 3.31
O3A COA G . 2.65 -8.39 5.50
P2A COA G . 4.13 -9.00 5.74
O4A COA G . 5.00 -8.60 4.59
O5A COA G . 3.97 -10.42 6.23
O6A COA G . 4.59 -8.17 7.04
CBP COA G . 5.18 -6.16 8.22
CCP COA G . 4.40 -6.76 7.07
CDP COA G . 4.75 -4.72 8.39
CEP COA G . 4.80 -6.93 9.49
CAP COA G . 6.70 -6.28 7.85
OAP COA G . 7.07 -5.54 6.67
C9P COA G . 7.59 -5.85 8.98
O9P COA G . 7.78 -6.63 9.90
N8P COA G . 8.16 -4.65 8.89
C7P COA G . 9.02 -4.11 9.93
C6P COA G . 8.19 -3.70 11.15
C5P COA G . 7.11 -2.69 10.79
O5P COA G . 7.40 -1.75 10.07
N4P COA G . 5.88 -2.91 11.28
C3P COA G . 4.71 -2.11 10.92
C2P COA G . 4.27 -1.21 12.08
S1P COA G . 5.52 0.09 12.30
C1 GOL H . 8.98 6.43 18.71
O1 GOL H . 8.02 7.08 19.54
C2 GOL H . 10.37 6.86 19.15
O2 GOL H . 10.39 7.10 20.57
C3 GOL H . 11.47 5.87 18.81
O3 GOL H . 11.71 5.84 17.41
C1 GOL I . -10.12 0.99 30.32
O1 GOL I . -10.11 1.42 28.96
C2 GOL I . -9.14 -0.16 30.54
O2 GOL I . -8.35 0.12 31.70
C3 GOL I . -9.86 -1.49 30.73
O3 GOL I . -8.94 -2.58 30.64
#